data_4D6P
#
_entry.id   4D6P
#
_cell.length_a   40.454
_cell.length_b   87.420
_cell.length_c   62.226
_cell.angle_alpha   90.00
_cell.angle_beta   91.46
_cell.angle_gamma   90.00
#
_symmetry.space_group_name_H-M   'P 1 21 1'
#
loop_
_entity.id
_entity.type
_entity.pdbx_description
1 polymer 'DNA REPAIR AND RECOMBINATION PROTEIN RADA'
2 non-polymer 'PHOSPHOAMINOPHOSPHONIC ACID-ADENYLATE ESTER'
3 non-polymer GLYCEROL
4 non-polymer 'MAGNESIUM ION'
5 water water
#
_entity_poly.entity_id   1
_entity_poly.type   'polypeptide(L)'
_entity_poly.pdbx_seq_one_letter_code
;MATIGRISTGSKSLDKLLGGGIETQAITEVFGEFGSGKTQLAHTLAVMVQLPPEEGGLNGSVIWIDTENTFRPERIREIA
QNRGLDPDEVLKHIYVARAFNSNHQMLLVQQAEDKIKELLNTDRPVKLLIVDSLTSHFRSEYIGRGALAERQQKLAKHLA
DLHRLANLYDIAVFVTNQVQANGGHILAHSATLRVYLRKGKGGKRIARLIDAPHLPEGEAVFSITEKGIED
;
_entity_poly.pdbx_strand_id   A,B
#
loop_
_chem_comp.id
_chem_comp.type
_chem_comp.name
_chem_comp.formula
ANP non-polymer 'PHOSPHOAMINOPHOSPHONIC ACID-ADENYLATE ESTER' 'C10 H17 N6 O12 P3'
GOL non-polymer GLYCEROL 'C3 H8 O3'
MG non-polymer 'MAGNESIUM ION' 'Mg 2'
#
# COMPACT_ATOMS: atom_id res chain seq x y z
N ALA A 2 -13.32 3.11 -1.69
CA ALA A 2 -14.36 2.75 -0.72
C ALA A 2 -15.39 1.81 -1.33
N THR A 3 -15.37 1.65 -2.64
N THR A 3 -15.35 1.63 -2.64
CA THR A 3 -16.25 0.66 -3.24
CA THR A 3 -16.19 0.64 -3.32
C THR A 3 -15.85 -0.71 -2.70
C THR A 3 -15.81 -0.77 -2.89
N ILE A 4 -16.79 -1.63 -2.69
CA ILE A 4 -16.53 -2.99 -2.24
C ILE A 4 -16.03 -3.87 -3.38
N GLY A 5 -15.03 -4.68 -3.09
CA GLY A 5 -14.56 -5.69 -4.01
C GLY A 5 -15.11 -7.04 -3.61
N ARG A 6 -15.19 -7.95 -4.57
CA ARG A 6 -15.71 -9.28 -4.31
C ARG A 6 -14.76 -10.34 -4.86
N ILE A 7 -14.50 -11.37 -4.07
CA ILE A 7 -13.63 -12.47 -4.46
C ILE A 7 -14.45 -13.73 -4.71
N SER A 8 -14.40 -14.23 -5.93
CA SER A 8 -15.11 -15.44 -6.28
C SER A 8 -14.59 -16.63 -5.44
N THR A 9 -15.49 -17.51 -5.02
CA THR A 9 -15.12 -18.71 -4.30
C THR A 9 -14.73 -19.89 -5.21
N GLY A 10 -14.92 -19.75 -6.53
CA GLY A 10 -14.76 -20.88 -7.44
C GLY A 10 -16.05 -21.61 -7.82
N SER A 11 -17.07 -21.46 -6.97
CA SER A 11 -18.39 -22.06 -7.21
C SER A 11 -19.40 -21.00 -7.67
N LYS A 12 -20.03 -21.19 -8.84
CA LYS A 12 -21.04 -20.25 -9.32
C LYS A 12 -22.21 -20.22 -8.33
N SER A 13 -22.58 -21.40 -7.86
CA SER A 13 -23.66 -21.53 -6.88
C SER A 13 -23.39 -20.70 -5.63
N LEU A 14 -22.21 -20.89 -5.05
CA LEU A 14 -21.89 -20.21 -3.81
C LEU A 14 -21.73 -18.69 -4.03
N ASP A 15 -21.08 -18.34 -5.14
CA ASP A 15 -20.99 -16.96 -5.58
C ASP A 15 -22.37 -16.28 -5.66
N LYS A 16 -23.36 -16.94 -6.26
CA LYS A 16 -24.68 -16.32 -6.34
C LYS A 16 -25.23 -16.07 -4.94
N LEU A 17 -25.07 -17.03 -4.05
CA LEU A 17 -25.56 -16.90 -2.68
C LEU A 17 -24.92 -15.70 -1.97
N LEU A 18 -23.67 -15.42 -2.35
CA LEU A 18 -22.88 -14.38 -1.74
C LEU A 18 -22.95 -13.04 -2.45
N GLY A 19 -23.74 -12.97 -3.52
CA GLY A 19 -23.84 -11.74 -4.26
C GLY A 19 -22.64 -11.47 -5.15
N GLY A 20 -21.91 -12.53 -5.51
CA GLY A 20 -20.76 -12.42 -6.39
C GLY A 20 -19.45 -12.92 -5.82
N GLY A 21 -19.41 -13.15 -4.52
CA GLY A 21 -18.17 -13.52 -3.84
C GLY A 21 -18.11 -12.93 -2.47
N ILE A 22 -17.05 -13.24 -1.73
CA ILE A 22 -16.90 -12.64 -0.41
C ILE A 22 -16.41 -11.20 -0.56
N GLU A 23 -16.86 -10.34 0.34
CA GLU A 23 -16.66 -8.90 0.23
C GLU A 23 -15.44 -8.38 0.96
N THR A 24 -14.77 -7.40 0.35
CA THR A 24 -13.82 -6.59 1.10
C THR A 24 -14.59 -5.70 2.08
N GLN A 25 -13.87 -5.13 3.05
CA GLN A 25 -14.47 -4.29 4.09
C GLN A 25 -15.50 -5.08 4.90
N ALA A 26 -15.25 -6.38 5.05
CA ALA A 26 -16.16 -7.28 5.76
C ALA A 26 -15.39 -8.47 6.29
N ILE A 27 -15.91 -9.06 7.35
CA ILE A 27 -15.45 -10.36 7.84
C ILE A 27 -16.51 -11.40 7.50
N THR A 28 -16.12 -12.39 6.71
CA THR A 28 -17.01 -13.47 6.40
C THR A 28 -16.62 -14.68 7.24
N GLU A 29 -17.54 -15.14 8.06
CA GLU A 29 -17.29 -16.31 8.89
C GLU A 29 -17.95 -17.53 8.29
N VAL A 30 -17.14 -18.56 8.06
N VAL A 30 -17.15 -18.57 8.06
CA VAL A 30 -17.68 -19.83 7.66
CA VAL A 30 -17.69 -19.85 7.64
C VAL A 30 -17.66 -20.77 8.87
C VAL A 30 -17.65 -20.82 8.82
N PHE A 31 -18.78 -21.43 9.13
CA PHE A 31 -18.84 -22.31 10.29
C PHE A 31 -19.56 -23.62 9.97
N GLY A 32 -19.15 -24.69 10.62
CA GLY A 32 -19.72 -25.99 10.34
C GLY A 32 -18.90 -27.06 11.04
N GLU A 33 -19.38 -28.29 10.97
CA GLU A 33 -18.74 -29.42 11.64
C GLU A 33 -17.46 -29.82 10.93
N PHE A 34 -16.70 -30.74 11.52
CA PHE A 34 -15.48 -31.17 10.89
C PHE A 34 -15.78 -31.74 9.51
N GLY A 35 -14.88 -31.46 8.57
CA GLY A 35 -14.98 -31.95 7.21
C GLY A 35 -15.96 -31.26 6.28
N SER A 36 -16.52 -30.14 6.73
CA SER A 36 -17.60 -29.47 6.00
C SER A 36 -17.05 -28.56 4.90
N GLY A 37 -15.73 -28.41 4.86
CA GLY A 37 -15.10 -27.73 3.74
C GLY A 37 -14.54 -26.34 4.02
N LYS A 38 -14.51 -25.95 5.29
CA LYS A 38 -14.02 -24.62 5.68
C LYS A 38 -12.59 -24.32 5.19
N THR A 39 -11.68 -25.25 5.45
CA THR A 39 -10.29 -25.08 5.10
C THR A 39 -10.06 -25.17 3.59
N GLN A 40 -10.84 -26.02 2.92
CA GLN A 40 -10.70 -26.16 1.47
C GLN A 40 -11.17 -24.89 0.78
N LEU A 41 -12.22 -24.27 1.32
CA LEU A 41 -12.69 -22.96 0.82
C LEU A 41 -11.63 -21.87 1.03
N ALA A 42 -10.96 -21.91 2.17
CA ALA A 42 -9.88 -20.95 2.46
C ALA A 42 -8.76 -21.08 1.41
N HIS A 43 -8.33 -22.33 1.16
CA HIS A 43 -7.30 -22.60 0.16
C HIS A 43 -7.73 -22.07 -1.21
N THR A 44 -8.99 -22.30 -1.58
CA THR A 44 -9.47 -21.88 -2.90
C THR A 44 -9.46 -20.35 -3.04
N LEU A 45 -9.96 -19.67 -2.01
CA LEU A 45 -10.01 -18.21 -1.97
C LEU A 45 -8.61 -17.60 -2.09
N ALA A 46 -7.60 -18.27 -1.52
CA ALA A 46 -6.22 -17.79 -1.51
C ALA A 46 -5.62 -17.83 -2.92
N VAL A 47 -6.17 -18.70 -3.76
CA VAL A 47 -5.84 -18.70 -5.18
C VAL A 47 -6.72 -17.71 -5.97
N MET A 48 -8.04 -17.78 -5.78
CA MET A 48 -8.98 -16.93 -6.53
C MET A 48 -8.70 -15.42 -6.43
N VAL A 49 -8.31 -14.95 -5.25
CA VAL A 49 -8.06 -13.52 -5.06
C VAL A 49 -6.90 -13.02 -5.94
N GLN A 50 -6.02 -13.93 -6.34
CA GLN A 50 -4.85 -13.58 -7.16
C GLN A 50 -5.22 -13.35 -8.62
N LEU A 51 -6.40 -13.81 -9.01
CA LEU A 51 -6.90 -13.61 -10.37
C LEU A 51 -7.23 -12.14 -10.65
N PRO A 52 -7.23 -11.74 -11.92
CA PRO A 52 -7.70 -10.39 -12.28
C PRO A 52 -9.23 -10.27 -12.04
N PRO A 53 -9.76 -9.03 -12.00
CA PRO A 53 -11.17 -8.87 -11.62
C PRO A 53 -12.16 -9.50 -12.61
N GLU A 54 -11.86 -9.50 -13.90
CA GLU A 54 -12.73 -10.16 -14.87
C GLU A 54 -12.73 -11.68 -14.74
N GLU A 55 -11.86 -12.21 -13.88
CA GLU A 55 -11.88 -13.64 -13.57
C GLU A 55 -12.30 -13.87 -12.12
N GLY A 56 -12.70 -12.81 -11.44
CA GLY A 56 -13.26 -12.96 -10.09
C GLY A 56 -12.32 -12.67 -8.94
N GLY A 57 -11.12 -12.20 -9.22
CA GLY A 57 -10.17 -11.86 -8.18
C GLY A 57 -9.90 -10.36 -8.02
N LEU A 58 -8.83 -10.04 -7.30
CA LEU A 58 -8.49 -8.65 -7.02
C LEU A 58 -7.01 -8.40 -7.22
N ASN A 59 -6.36 -9.24 -8.01
CA ASN A 59 -4.91 -9.17 -8.20
C ASN A 59 -4.20 -9.01 -6.86
N GLY A 60 -4.65 -9.75 -5.87
CA GLY A 60 -4.23 -9.49 -4.51
C GLY A 60 -3.31 -10.52 -3.89
N SER A 61 -2.63 -10.08 -2.83
CA SER A 61 -1.83 -10.95 -1.99
C SER A 61 -2.71 -11.40 -0.82
N VAL A 62 -2.22 -12.42 -0.12
CA VAL A 62 -2.95 -13.05 0.95
C VAL A 62 -2.11 -13.12 2.23
N ILE A 63 -2.74 -12.86 3.37
CA ILE A 63 -2.12 -13.12 4.67
C ILE A 63 -2.95 -14.23 5.30
N TRP A 64 -2.29 -15.26 5.79
CA TRP A 64 -2.99 -16.43 6.33
C TRP A 64 -2.45 -16.73 7.72
N ILE A 65 -3.32 -16.67 8.72
CA ILE A 65 -2.97 -17.02 10.10
C ILE A 65 -3.55 -18.40 10.38
N ASP A 66 -2.67 -19.40 10.49
CA ASP A 66 -3.05 -20.81 10.58
C ASP A 66 -2.86 -21.26 12.02
N THR A 67 -3.89 -21.86 12.62
CA THR A 67 -3.80 -22.25 14.03
C THR A 67 -3.65 -23.75 14.30
N GLU A 68 -3.94 -24.58 13.30
CA GLU A 68 -3.95 -26.02 13.50
C GLU A 68 -3.12 -26.74 12.42
N ASN A 69 -2.21 -25.98 11.80
CA ASN A 69 -1.31 -26.51 10.77
C ASN A 69 -2.00 -27.32 9.67
N THR A 70 -3.10 -26.81 9.15
CA THR A 70 -3.80 -27.45 8.04
C THR A 70 -3.59 -26.75 6.70
N PHE A 71 -2.79 -25.69 6.67
CA PHE A 71 -2.37 -25.10 5.40
C PHE A 71 -1.52 -26.12 4.63
N ARG A 72 -1.82 -26.29 3.34
CA ARG A 72 -1.07 -27.20 2.49
C ARG A 72 -0.60 -26.48 1.21
N PRO A 73 0.71 -26.20 1.14
CA PRO A 73 1.23 -25.52 -0.04
C PRO A 73 0.97 -26.28 -1.34
N GLU A 74 0.99 -27.60 -1.32
CA GLU A 74 0.77 -28.35 -2.54
C GLU A 74 -0.67 -28.31 -3.01
N ARG A 75 -1.60 -28.10 -2.08
CA ARG A 75 -3.00 -27.92 -2.47
C ARG A 75 -3.20 -26.58 -3.17
N ILE A 76 -2.53 -25.55 -2.67
CA ILE A 76 -2.51 -24.25 -3.34
C ILE A 76 -1.98 -24.41 -4.76
N ARG A 77 -0.89 -25.15 -4.91
CA ARG A 77 -0.27 -25.34 -6.22
C ARG A 77 -1.20 -26.08 -7.18
N GLU A 78 -1.85 -27.13 -6.69
CA GLU A 78 -2.82 -27.88 -7.50
C GLU A 78 -3.98 -27.03 -7.98
N ILE A 79 -4.59 -26.29 -7.05
CA ILE A 79 -5.70 -25.41 -7.38
C ILE A 79 -5.27 -24.35 -8.39
N ALA A 80 -4.14 -23.68 -8.12
CA ALA A 80 -3.54 -22.77 -9.09
C ALA A 80 -3.32 -23.40 -10.47
N GLN A 81 -2.63 -24.54 -10.49
CA GLN A 81 -2.30 -25.26 -11.72
C GLN A 81 -3.55 -25.51 -12.56
N ASN A 82 -4.62 -25.94 -11.90
CA ASN A 82 -5.83 -26.33 -12.60
C ASN A 82 -6.74 -25.15 -12.98
N ARG A 83 -6.39 -23.96 -12.52
CA ARG A 83 -7.11 -22.75 -12.91
C ARG A 83 -6.33 -21.84 -13.87
N GLY A 84 -5.18 -22.34 -14.35
CA GLY A 84 -4.45 -21.63 -15.38
C GLY A 84 -3.47 -20.59 -14.86
N LEU A 85 -3.05 -20.75 -13.60
CA LEU A 85 -2.10 -19.85 -12.97
C LEU A 85 -0.79 -20.58 -12.67
N ASP A 86 0.27 -19.83 -12.38
CA ASP A 86 1.56 -20.44 -12.05
C ASP A 86 1.55 -20.79 -10.58
N PRO A 87 1.62 -22.09 -10.28
CA PRO A 87 1.53 -22.57 -8.89
C PRO A 87 2.59 -21.97 -7.98
N ASP A 88 3.78 -21.74 -8.49
CA ASP A 88 4.85 -21.23 -7.64
C ASP A 88 4.71 -19.73 -7.41
N GLU A 89 4.30 -19.00 -8.45
CA GLU A 89 4.02 -17.56 -8.30
C GLU A 89 2.90 -17.36 -7.27
N VAL A 90 1.86 -18.17 -7.36
CA VAL A 90 0.72 -18.05 -6.45
C VAL A 90 1.14 -18.24 -4.97
N LEU A 91 1.97 -19.24 -4.69
CA LEU A 91 2.50 -19.41 -3.35
C LEU A 91 3.30 -18.22 -2.84
N LYS A 92 4.00 -17.55 -3.76
N LYS A 92 4.02 -17.55 -3.74
CA LYS A 92 4.86 -16.42 -3.42
CA LYS A 92 4.86 -16.41 -3.35
C LYS A 92 4.05 -15.25 -2.83
C LYS A 92 4.03 -15.26 -2.78
N HIS A 93 2.76 -15.22 -3.14
CA HIS A 93 1.90 -14.12 -2.69
C HIS A 93 0.98 -14.48 -1.53
N ILE A 94 1.21 -15.65 -0.95
CA ILE A 94 0.52 -16.05 0.28
C ILE A 94 1.52 -16.05 1.42
N TYR A 95 1.24 -15.23 2.43
CA TYR A 95 2.10 -15.07 3.59
C TYR A 95 1.47 -15.76 4.78
N VAL A 96 1.96 -16.96 5.08
CA VAL A 96 1.39 -17.80 6.13
C VAL A 96 2.19 -17.67 7.41
N ALA A 97 1.47 -17.50 8.52
CA ALA A 97 2.08 -17.51 9.85
C ALA A 97 1.30 -18.48 10.74
N ARG A 98 2.02 -19.33 11.45
CA ARG A 98 1.39 -20.25 12.40
C ARG A 98 1.25 -19.58 13.77
N ALA A 99 0.01 -19.47 14.24
CA ALA A 99 -0.26 -18.95 15.58
C ALA A 99 -0.09 -20.05 16.62
N PHE A 100 0.79 -19.77 17.59
CA PHE A 100 1.16 -20.73 18.64
C PHE A 100 0.07 -20.86 19.71
N ASN A 101 -0.64 -19.77 19.96
CA ASN A 101 -1.71 -19.70 20.95
C ASN A 101 -2.56 -18.48 20.64
N SER A 102 -3.57 -18.18 21.46
CA SER A 102 -4.47 -17.07 21.14
C SER A 102 -3.81 -15.69 21.24
N ASN A 103 -2.87 -15.56 22.17
CA ASN A 103 -2.21 -14.27 22.35
C ASN A 103 -1.26 -13.99 21.20
N HIS A 104 -0.63 -15.05 20.70
CA HIS A 104 0.23 -14.94 19.52
C HIS A 104 -0.64 -14.66 18.27
N GLN A 105 -1.79 -15.33 18.18
CA GLN A 105 -2.74 -15.08 17.10
C GLN A 105 -3.12 -13.60 17.06
N MET A 106 -3.31 -13.00 18.23
CA MET A 106 -3.70 -11.61 18.28
C MET A 106 -2.55 -10.70 17.84
N LEU A 107 -1.34 -11.00 18.29
CA LEU A 107 -0.15 -10.26 17.85
C LEU A 107 0.05 -10.35 16.34
N LEU A 108 -0.20 -11.52 15.77
CA LEU A 108 -0.04 -11.71 14.33
C LEU A 108 -0.95 -10.83 13.49
N VAL A 109 -2.08 -10.42 14.05
CA VAL A 109 -2.95 -9.47 13.36
C VAL A 109 -2.33 -8.08 13.32
N GLN A 110 -1.61 -7.71 14.37
CA GLN A 110 -0.90 -6.44 14.40
C GLN A 110 0.24 -6.46 13.38
N GLN A 111 0.94 -7.59 13.31
CA GLN A 111 2.00 -7.78 12.32
C GLN A 111 1.46 -7.77 10.91
N ALA A 112 0.24 -8.26 10.73
CA ALA A 112 -0.36 -8.29 9.39
C ALA A 112 -0.48 -6.88 8.84
N GLU A 113 -0.75 -5.91 9.72
CA GLU A 113 -0.86 -4.52 9.28
C GLU A 113 0.43 -4.01 8.66
N ASP A 114 1.56 -4.52 9.13
CA ASP A 114 2.85 -4.09 8.59
C ASP A 114 3.00 -4.57 7.15
N LYS A 115 2.68 -5.83 6.91
CA LYS A 115 2.74 -6.40 5.57
C LYS A 115 1.73 -5.72 4.66
N ILE A 116 0.53 -5.48 5.17
CA ILE A 116 -0.50 -4.75 4.45
C ILE A 116 0.00 -3.38 4.00
N LYS A 117 0.64 -2.64 4.90
CA LYS A 117 1.11 -1.30 4.54
C LYS A 117 2.16 -1.37 3.46
N GLU A 118 2.97 -2.42 3.54
CA GLU A 118 4.10 -2.55 2.64
C GLU A 118 3.62 -2.73 1.20
N LEU A 119 2.52 -3.44 1.01
CA LEU A 119 2.09 -3.83 -0.31
C LEU A 119 0.96 -2.95 -0.85
N LEU A 120 0.53 -1.97 -0.05
CA LEU A 120 -0.75 -1.30 -0.26
C LEU A 120 -0.86 -0.57 -1.59
N ASN A 121 0.20 0.14 -1.95
CA ASN A 121 0.17 0.93 -3.16
C ASN A 121 1.08 0.31 -4.21
N THR A 122 1.32 -1.00 -4.07
CA THR A 122 1.97 -1.82 -5.09
C THR A 122 0.91 -2.48 -5.97
N ASP A 123 1.32 -3.29 -6.94
CA ASP A 123 0.36 -3.92 -7.86
C ASP A 123 -0.26 -5.20 -7.30
N ARG A 124 0.26 -5.69 -6.18
CA ARG A 124 -0.32 -6.86 -5.53
C ARG A 124 -0.65 -6.59 -4.07
N PRO A 125 -1.55 -5.64 -3.83
CA PRO A 125 -1.87 -5.33 -2.43
C PRO A 125 -2.52 -6.54 -1.75
N VAL A 126 -2.41 -6.60 -0.43
CA VAL A 126 -3.11 -7.64 0.31
C VAL A 126 -4.61 -7.38 0.13
N LYS A 127 -5.33 -8.42 -0.31
CA LYS A 127 -6.77 -8.29 -0.50
C LYS A 127 -7.57 -9.33 0.27
N LEU A 128 -6.87 -10.29 0.87
CA LEU A 128 -7.50 -11.35 1.63
C LEU A 128 -6.68 -11.69 2.86
N LEU A 129 -7.36 -11.75 4.01
CA LEU A 129 -6.75 -12.16 5.27
C LEU A 129 -7.57 -13.31 5.81
N ILE A 130 -6.94 -14.46 5.93
CA ILE A 130 -7.58 -15.68 6.40
C ILE A 130 -7.14 -15.95 7.83
N VAL A 131 -8.09 -16.30 8.69
CA VAL A 131 -7.77 -16.86 10.00
C VAL A 131 -8.45 -18.22 10.11
N ASP A 132 -7.66 -19.30 10.08
CA ASP A 132 -8.15 -20.67 10.16
C ASP A 132 -7.33 -21.37 11.23
N SER A 133 -7.87 -21.64 12.43
CA SER A 133 -9.24 -21.36 12.90
C SER A 133 -9.31 -20.07 13.73
N LEU A 134 -10.37 -19.29 13.57
CA LEU A 134 -10.57 -18.11 14.42
C LEU A 134 -10.61 -18.47 15.92
N THR A 135 -11.18 -19.64 16.23
CA THR A 135 -11.60 -19.92 17.60
C THR A 135 -10.93 -21.09 18.32
N SER A 136 -10.19 -21.92 17.59
CA SER A 136 -9.63 -23.13 18.20
C SER A 136 -8.77 -22.87 19.44
N HIS A 137 -7.86 -21.88 19.38
CA HIS A 137 -7.04 -21.54 20.54
C HIS A 137 -7.89 -21.01 21.68
N PHE A 138 -8.88 -20.19 21.34
CA PHE A 138 -9.75 -19.59 22.36
C PHE A 138 -10.56 -20.66 23.07
N ARG A 139 -10.99 -21.67 22.34
CA ARG A 139 -11.74 -22.78 22.93
C ARG A 139 -10.86 -23.58 23.90
N SER A 140 -9.59 -23.74 23.58
CA SER A 140 -8.65 -24.53 24.40
C SER A 140 -8.25 -23.79 25.69
N GLU A 141 -8.01 -22.50 25.55
CA GLU A 141 -7.40 -21.71 26.62
C GLU A 141 -8.40 -21.13 27.63
N TYR A 142 -9.59 -20.77 27.15
CA TYR A 142 -10.57 -20.13 27.99
C TYR A 142 -11.70 -21.10 28.26
N ILE A 143 -11.61 -21.77 29.41
CA ILE A 143 -12.48 -22.89 29.69
C ILE A 143 -12.74 -22.96 31.19
N GLY A 144 -13.99 -23.20 31.56
CA GLY A 144 -14.38 -23.29 32.95
C GLY A 144 -15.21 -22.11 33.41
N ARG A 145 -15.51 -22.10 34.70
CA ARG A 145 -16.35 -21.09 35.32
C ARG A 145 -15.82 -19.68 35.12
N GLY A 146 -16.64 -18.79 34.59
CA GLY A 146 -16.22 -17.44 34.25
C GLY A 146 -15.60 -17.28 32.86
N ALA A 147 -15.25 -18.39 32.21
CA ALA A 147 -14.53 -18.31 30.95
C ALA A 147 -15.36 -17.77 29.79
N LEU A 148 -16.67 -17.92 29.86
CA LEU A 148 -17.53 -17.42 28.79
C LEU A 148 -17.32 -15.91 28.59
N ALA A 149 -17.45 -15.13 29.66
CA ALA A 149 -17.28 -13.67 29.56
C ALA A 149 -15.88 -13.28 29.11
N GLU A 150 -14.87 -13.96 29.64
CA GLU A 150 -13.48 -13.64 29.35
C GLU A 150 -13.13 -14.01 27.90
N ARG A 151 -13.64 -15.14 27.43
CA ARG A 151 -13.38 -15.59 26.07
C ARG A 151 -14.06 -14.70 25.04
N GLN A 152 -15.34 -14.39 25.28
CA GLN A 152 -16.12 -13.56 24.37
C GLN A 152 -15.53 -12.17 24.28
N GLN A 153 -14.99 -11.69 25.40
CA GLN A 153 -14.30 -10.41 25.49
C GLN A 153 -13.03 -10.31 24.63
N LYS A 154 -12.19 -11.32 24.73
N LYS A 154 -12.19 -11.33 24.73
CA LYS A 154 -10.95 -11.39 23.97
CA LYS A 154 -10.94 -11.40 23.97
C LYS A 154 -11.22 -11.57 22.49
C LYS A 154 -11.23 -11.55 22.49
N LEU A 155 -12.18 -12.42 22.16
CA LEU A 155 -12.59 -12.63 20.78
C LEU A 155 -13.14 -11.36 20.16
N ALA A 156 -13.91 -10.60 20.93
CA ALA A 156 -14.53 -9.38 20.41
C ALA A 156 -13.45 -8.37 20.05
N LYS A 157 -12.39 -8.34 20.85
CA LYS A 157 -11.28 -7.43 20.60
C LYS A 157 -10.52 -7.87 19.34
N HIS A 158 -10.30 -9.18 19.22
CA HIS A 158 -9.61 -9.76 18.08
C HIS A 158 -10.41 -9.48 16.83
N LEU A 159 -11.73 -9.70 16.88
CA LEU A 159 -12.56 -9.39 15.72
C LEU A 159 -12.56 -7.88 15.38
N ALA A 160 -12.56 -7.03 16.41
CA ALA A 160 -12.44 -5.60 16.19
C ALA A 160 -11.14 -5.22 15.44
N ASP A 161 -10.03 -5.84 15.83
CA ASP A 161 -8.77 -5.65 15.11
C ASP A 161 -8.93 -6.04 13.66
N LEU A 162 -9.58 -7.18 13.42
CA LEU A 162 -9.76 -7.68 12.07
C LEU A 162 -10.66 -6.77 11.24
N HIS A 163 -11.76 -6.30 11.84
CA HIS A 163 -12.69 -5.36 11.18
C HIS A 163 -11.97 -4.09 10.78
N ARG A 164 -11.10 -3.61 11.66
CA ARG A 164 -10.36 -2.40 11.37
C ARG A 164 -9.50 -2.58 10.13
N LEU A 165 -8.81 -3.72 10.03
CA LEU A 165 -7.96 -3.98 8.86
C LEU A 165 -8.75 -4.09 7.55
N ALA A 166 -9.87 -4.81 7.61
CA ALA A 166 -10.78 -4.94 6.49
C ALA A 166 -11.24 -3.58 5.96
N ASN A 167 -11.67 -2.71 6.87
CA ASN A 167 -12.21 -1.42 6.48
C ASN A 167 -11.15 -0.40 6.10
N LEU A 168 -10.06 -0.37 6.86
CA LEU A 168 -9.03 0.62 6.65
C LEU A 168 -8.32 0.40 5.32
N TYR A 169 -8.10 -0.86 4.97
CA TYR A 169 -7.23 -1.21 3.84
C TYR A 169 -7.96 -1.91 2.69
N ASP A 170 -9.30 -2.00 2.80
CA ASP A 170 -10.14 -2.56 1.75
C ASP A 170 -9.75 -4.02 1.45
N ILE A 171 -9.92 -4.85 2.48
CA ILE A 171 -9.50 -6.24 2.50
C ILE A 171 -10.68 -7.12 2.87
N ALA A 172 -10.78 -8.28 2.25
CA ALA A 172 -11.74 -9.31 2.65
C ALA A 172 -11.11 -10.14 3.74
N VAL A 173 -11.75 -10.17 4.90
CA VAL A 173 -11.31 -11.08 5.97
C VAL A 173 -12.21 -12.30 5.98
N PHE A 174 -11.60 -13.48 6.00
CA PHE A 174 -12.28 -14.77 5.92
C PHE A 174 -11.83 -15.61 7.11
N VAL A 175 -12.77 -15.91 8.00
CA VAL A 175 -12.47 -16.66 9.22
C VAL A 175 -13.28 -17.96 9.30
N THR A 176 -12.72 -18.98 9.95
CA THR A 176 -13.40 -20.27 10.11
C THR A 176 -13.71 -20.56 11.59
N ASN A 177 -14.75 -21.37 11.81
CA ASN A 177 -15.23 -21.68 13.15
C ASN A 177 -15.85 -23.07 13.12
N GLN A 178 -15.43 -23.95 14.01
CA GLN A 178 -15.92 -25.32 14.00
C GLN A 178 -17.04 -25.51 15.00
N VAL A 179 -18.10 -26.17 14.59
CA VAL A 179 -19.16 -26.45 15.55
C VAL A 179 -19.34 -27.95 15.76
N GLN A 180 -19.89 -28.31 16.92
CA GLN A 180 -20.37 -29.67 17.13
C GLN A 180 -21.88 -29.63 17.21
N ALA A 181 -22.52 -29.91 16.08
CA ALA A 181 -23.95 -29.70 15.86
C ALA A 181 -24.85 -29.93 17.08
N ILE A 186 -19.19 -20.82 20.99
CA ILE A 186 -18.09 -19.94 20.58
C ILE A 186 -18.61 -18.87 19.59
N LEU A 187 -19.25 -17.86 20.18
CA LEU A 187 -19.89 -16.80 19.42
C LEU A 187 -18.85 -15.87 18.82
N ALA A 188 -18.84 -15.75 17.50
CA ALA A 188 -17.96 -14.81 16.83
C ALA A 188 -18.61 -13.43 16.79
N HIS A 189 -18.58 -12.75 17.93
CA HIS A 189 -19.09 -11.38 18.13
C HIS A 189 -20.02 -10.90 17.02
N SER A 190 -19.43 -10.23 16.04
CA SER A 190 -20.18 -9.83 14.87
C SER A 190 -19.31 -9.94 13.63
N ALA A 191 -19.14 -11.16 13.12
CA ALA A 191 -18.76 -11.31 11.73
C ALA A 191 -19.81 -10.55 10.93
N THR A 192 -19.40 -10.03 9.77
CA THR A 192 -20.32 -9.29 8.92
C THR A 192 -21.34 -10.25 8.34
N LEU A 193 -20.86 -11.45 7.99
CA LEU A 193 -21.70 -12.42 7.30
C LEU A 193 -21.33 -13.81 7.77
N ARG A 194 -22.34 -14.57 8.21
CA ARG A 194 -22.11 -15.93 8.67
C ARG A 194 -22.70 -16.92 7.68
N VAL A 195 -21.85 -17.83 7.21
CA VAL A 195 -22.21 -18.85 6.27
C VAL A 195 -22.07 -20.22 6.92
N TYR A 196 -23.18 -20.93 7.02
CA TYR A 196 -23.18 -22.28 7.58
C TYR A 196 -22.89 -23.29 6.47
N LEU A 197 -21.89 -24.13 6.70
CA LEU A 197 -21.50 -25.19 5.75
C LEU A 197 -21.82 -26.55 6.32
N ARG A 198 -22.31 -27.46 5.47
CA ARG A 198 -22.54 -28.82 5.93
C ARG A 198 -22.31 -29.80 4.81
N LYS A 199 -22.02 -31.04 5.18
CA LYS A 199 -21.83 -32.11 4.23
C LYS A 199 -23.18 -32.67 3.82
N GLY A 200 -23.38 -32.84 2.52
CA GLY A 200 -24.56 -33.49 2.00
C GLY A 200 -24.20 -34.80 1.33
N LYS A 201 -25.18 -35.44 0.72
CA LYS A 201 -24.95 -36.72 0.07
C LYS A 201 -24.23 -36.55 -1.25
N GLY A 202 -23.62 -37.62 -1.71
CA GLY A 202 -22.96 -37.64 -3.02
C GLY A 202 -21.76 -36.73 -3.05
N GLY A 203 -21.17 -36.49 -1.88
CA GLY A 203 -20.00 -35.65 -1.76
C GLY A 203 -20.23 -34.18 -1.97
N LYS A 204 -21.49 -33.76 -2.03
CA LYS A 204 -21.82 -32.35 -2.16
C LYS A 204 -21.71 -31.65 -0.81
N ARG A 205 -21.40 -30.35 -0.85
CA ARG A 205 -21.43 -29.49 0.32
C ARG A 205 -22.53 -28.46 0.11
N ILE A 206 -23.21 -28.08 1.19
CA ILE A 206 -24.31 -27.12 1.10
C ILE A 206 -24.01 -25.91 2.00
N ALA A 207 -24.27 -24.72 1.47
CA ALA A 207 -24.04 -23.47 2.19
C ALA A 207 -25.32 -22.69 2.36
N ARG A 208 -25.51 -22.10 3.54
CA ARG A 208 -26.69 -21.29 3.82
C ARG A 208 -26.25 -20.05 4.60
N LEU A 209 -26.82 -18.91 4.27
CA LEU A 209 -26.56 -17.68 5.03
C LEU A 209 -27.41 -17.67 6.30
N ILE A 210 -26.82 -17.24 7.40
CA ILE A 210 -27.49 -17.30 8.69
C ILE A 210 -27.75 -15.90 9.26
N ASP A 211 -28.98 -15.69 9.73
CA ASP A 211 -29.42 -14.42 10.28
C ASP A 211 -29.20 -13.26 9.32
N ALA A 212 -29.39 -13.52 8.04
CA ALA A 212 -29.28 -12.48 7.02
C ALA A 212 -30.59 -12.31 6.26
N PRO A 213 -31.63 -11.78 6.92
CA PRO A 213 -32.96 -11.74 6.31
C PRO A 213 -33.05 -10.86 5.05
N HIS A 214 -32.11 -9.94 4.89
CA HIS A 214 -32.12 -9.05 3.73
C HIS A 214 -31.32 -9.58 2.54
N LEU A 215 -30.75 -10.77 2.70
CA LEU A 215 -29.96 -11.43 1.64
C LEU A 215 -30.68 -12.73 1.20
N PRO A 216 -30.21 -13.37 0.10
CA PRO A 216 -30.84 -14.61 -0.41
C PRO A 216 -31.05 -15.72 0.62
N GLU A 217 -32.18 -16.43 0.50
CA GLU A 217 -32.60 -17.40 1.50
C GLU A 217 -32.50 -18.86 1.03
N GLY A 218 -31.99 -19.06 -0.17
CA GLY A 218 -31.81 -20.41 -0.64
C GLY A 218 -30.53 -21.01 -0.10
N GLU A 219 -30.09 -22.07 -0.77
CA GLU A 219 -28.86 -22.74 -0.40
C GLU A 219 -28.01 -22.98 -1.62
N ALA A 220 -26.70 -22.83 -1.46
CA ALA A 220 -25.75 -23.11 -2.52
C ALA A 220 -25.21 -24.52 -2.36
N VAL A 221 -24.82 -25.14 -3.47
CA VAL A 221 -24.36 -26.53 -3.47
C VAL A 221 -23.05 -26.58 -4.26
N PHE A 222 -22.04 -27.23 -3.71
CA PHE A 222 -20.75 -27.24 -4.38
C PHE A 222 -19.95 -28.50 -4.09
N SER A 223 -18.91 -28.69 -4.89
CA SER A 223 -18.06 -29.84 -4.77
C SER A 223 -16.66 -29.38 -4.39
N ILE A 224 -15.84 -30.31 -3.93
CA ILE A 224 -14.44 -30.04 -3.70
C ILE A 224 -13.69 -30.93 -4.66
N THR A 225 -12.90 -30.30 -5.52
CA THR A 225 -12.25 -30.96 -6.64
C THR A 225 -10.80 -30.54 -6.79
N GLU A 226 -10.20 -30.88 -7.92
CA GLU A 226 -8.81 -30.49 -8.17
C GLU A 226 -8.68 -28.99 -8.46
N LYS A 227 -9.82 -28.32 -8.62
CA LYS A 227 -9.83 -26.87 -8.77
C LYS A 227 -10.15 -26.19 -7.46
N GLY A 228 -10.18 -26.96 -6.37
CA GLY A 228 -10.62 -26.46 -5.09
C GLY A 228 -12.11 -26.59 -5.03
N ILE A 229 -12.79 -25.48 -4.84
CA ILE A 229 -14.24 -25.48 -4.77
C ILE A 229 -14.82 -25.12 -6.13
N GLU A 230 -15.85 -25.85 -6.55
CA GLU A 230 -16.58 -25.52 -7.77
C GLU A 230 -17.91 -26.23 -7.74
N ASP A 231 -18.80 -25.87 -8.65
CA ASP A 231 -20.14 -26.47 -8.68
C ASP A 231 -20.01 -27.99 -8.78
N ALA B 2 13.13 -2.53 1.23
CA ALA B 2 13.21 -3.41 0.05
C ALA B 2 12.11 -3.08 -0.95
N THR B 3 10.85 -3.33 -0.59
CA THR B 3 9.71 -2.95 -1.41
C THR B 3 9.68 -1.44 -1.50
N ILE B 4 9.32 -0.90 -2.65
CA ILE B 4 9.32 0.54 -2.79
C ILE B 4 7.98 1.13 -2.34
N GLY B 5 8.04 2.34 -1.80
CA GLY B 5 6.85 3.09 -1.46
C GLY B 5 6.53 4.12 -2.51
N ARG B 6 5.31 4.63 -2.48
CA ARG B 6 4.85 5.62 -3.43
C ARG B 6 4.20 6.77 -2.70
N ILE B 7 4.58 7.98 -3.05
CA ILE B 7 4.00 9.18 -2.47
C ILE B 7 3.12 9.87 -3.50
N SER B 8 1.85 10.03 -3.19
CA SER B 8 0.91 10.69 -4.07
C SER B 8 1.27 12.18 -4.20
N THR B 9 1.12 12.73 -5.40
CA THR B 9 1.37 14.14 -5.66
C THR B 9 0.18 15.05 -5.32
N GLY B 10 -0.98 14.47 -5.03
CA GLY B 10 -2.18 15.25 -4.78
C GLY B 10 -3.03 15.39 -6.04
N SER B 11 -2.41 15.11 -7.19
CA SER B 11 -3.15 15.03 -8.47
C SER B 11 -3.34 13.60 -8.97
N LYS B 12 -4.60 13.23 -9.23
CA LYS B 12 -4.90 11.90 -9.75
C LYS B 12 -4.28 11.69 -11.13
N SER B 13 -4.34 12.73 -11.96
CA SER B 13 -3.76 12.69 -13.29
C SER B 13 -2.26 12.40 -13.22
N LEU B 14 -1.55 13.20 -12.43
CA LEU B 14 -0.11 13.06 -12.30
C LEU B 14 0.27 11.72 -11.65
N ASP B 15 -0.50 11.30 -10.65
CA ASP B 15 -0.26 10.02 -10.03
C ASP B 15 -0.36 8.90 -11.06
N LYS B 16 -1.34 9.00 -11.97
CA LYS B 16 -1.48 7.94 -12.96
C LYS B 16 -0.23 7.89 -13.83
N LEU B 17 0.22 9.06 -14.30
CA LEU B 17 1.41 9.15 -15.12
C LEU B 17 2.62 8.52 -14.42
N LEU B 18 2.67 8.65 -13.09
CA LEU B 18 3.79 8.15 -12.29
C LEU B 18 3.58 6.75 -11.73
N GLY B 19 2.47 6.10 -12.08
CA GLY B 19 2.20 4.76 -11.60
C GLY B 19 1.83 4.71 -10.13
N GLY B 20 1.28 5.81 -9.64
CA GLY B 20 0.81 5.88 -8.27
C GLY B 20 1.41 7.01 -7.45
N GLY B 21 2.54 7.54 -7.91
CA GLY B 21 3.21 8.63 -7.22
C GLY B 21 4.70 8.52 -7.37
N ILE B 22 5.46 9.40 -6.73
CA ILE B 22 6.93 9.29 -6.81
C ILE B 22 7.40 8.16 -5.90
N GLU B 23 8.48 7.51 -6.30
CA GLU B 23 8.93 6.27 -5.70
C GLU B 23 10.06 6.47 -4.71
N THR B 24 10.09 5.66 -3.67
CA THR B 24 11.26 5.61 -2.81
C THR B 24 12.36 4.84 -3.54
N GLN B 25 13.59 4.89 -3.03
CA GLN B 25 14.75 4.28 -3.70
C GLN B 25 14.91 4.78 -5.13
N ALA B 26 14.59 6.05 -5.33
CA ALA B 26 14.63 6.67 -6.65
C ALA B 26 14.88 8.16 -6.50
N ILE B 27 15.51 8.75 -7.50
CA ILE B 27 15.57 10.20 -7.63
C ILE B 27 14.60 10.62 -8.74
N THR B 28 13.59 11.40 -8.39
CA THR B 28 12.67 11.93 -9.38
C THR B 28 13.05 13.39 -9.63
N GLU B 29 13.34 13.70 -10.88
CA GLU B 29 13.67 15.07 -11.27
C GLU B 29 12.51 15.69 -11.97
N VAL B 30 12.09 16.85 -11.47
N VAL B 30 12.09 16.85 -11.48
CA VAL B 30 11.14 17.66 -12.19
CA VAL B 30 11.12 17.67 -12.19
C VAL B 30 11.88 18.83 -12.81
C VAL B 30 11.85 18.86 -12.80
N PHE B 31 11.71 19.03 -14.11
CA PHE B 31 12.32 20.15 -14.80
C PHE B 31 11.34 20.92 -15.67
N GLY B 32 11.62 22.21 -15.79
CA GLY B 32 10.71 23.11 -16.50
C GLY B 32 11.16 24.54 -16.34
N GLU B 33 10.56 25.42 -17.14
CA GLU B 33 10.89 26.83 -17.08
C GLU B 33 10.42 27.45 -15.77
N PHE B 34 10.87 28.68 -15.50
CA PHE B 34 10.38 29.37 -14.31
C PHE B 34 8.87 29.44 -14.34
N GLY B 35 8.26 29.24 -13.18
CA GLY B 35 6.81 29.32 -13.03
C GLY B 35 6.05 28.05 -13.34
N SER B 36 6.77 26.99 -13.75
CA SER B 36 6.11 25.78 -14.25
C SER B 36 5.50 24.91 -13.17
N GLY B 37 5.90 25.12 -11.92
CA GLY B 37 5.25 24.43 -10.81
C GLY B 37 6.16 23.57 -9.96
N LYS B 38 7.46 23.60 -10.25
CA LYS B 38 8.41 22.74 -9.57
C LYS B 38 8.37 22.87 -8.03
N THR B 39 8.47 24.10 -7.54
CA THR B 39 8.50 24.34 -6.10
C THR B 39 7.14 24.07 -5.44
N GLN B 40 6.06 24.35 -6.17
CA GLN B 40 4.74 24.06 -5.63
C GLN B 40 4.50 22.56 -5.48
N LEU B 41 4.98 21.78 -6.43
CA LEU B 41 4.88 20.32 -6.35
C LEU B 41 5.70 19.80 -5.15
N ALA B 42 6.85 20.41 -4.90
CA ALA B 42 7.68 20.04 -3.75
C ALA B 42 6.93 20.31 -2.44
N HIS B 43 6.28 21.46 -2.34
CA HIS B 43 5.54 21.83 -1.14
C HIS B 43 4.41 20.83 -0.91
N THR B 44 3.74 20.45 -2.00
CA THR B 44 2.64 19.51 -1.91
C THR B 44 3.13 18.14 -1.45
N LEU B 45 4.22 17.64 -2.04
CA LEU B 45 4.77 16.35 -1.67
C LEU B 45 5.20 16.33 -0.20
N ALA B 46 5.69 17.45 0.31
CA ALA B 46 6.13 17.55 1.70
C ALA B 46 4.99 17.39 2.68
N VAL B 47 3.77 17.66 2.21
CA VAL B 47 2.57 17.38 2.99
C VAL B 47 2.05 15.97 2.70
N MET B 48 1.93 15.61 1.43
CA MET B 48 1.38 14.31 1.07
C MET B 48 2.09 13.14 1.75
N VAL B 49 3.41 13.23 1.88
CA VAL B 49 4.18 12.10 2.41
C VAL B 49 3.81 11.81 3.87
N GLN B 50 3.21 12.79 4.53
CA GLN B 50 2.91 12.69 5.95
C GLN B 50 1.58 11.99 6.19
N LEU B 51 0.80 11.85 5.11
CA LEU B 51 -0.44 11.09 5.15
C LEU B 51 -0.16 9.61 5.41
N PRO B 52 -1.15 8.88 5.96
CA PRO B 52 -1.00 7.44 6.08
C PRO B 52 -1.11 6.77 4.69
N PRO B 53 -0.63 5.53 4.56
CA PRO B 53 -0.57 4.89 3.25
C PRO B 53 -1.91 4.80 2.50
N GLU B 54 -3.03 4.67 3.20
CA GLU B 54 -4.32 4.54 2.52
C GLU B 54 -4.80 5.89 2.00
N GLU B 55 -4.07 6.95 2.35
CA GLU B 55 -4.36 8.26 1.79
C GLU B 55 -3.29 8.73 0.82
N GLY B 56 -2.29 7.89 0.56
CA GLY B 56 -1.31 8.23 -0.45
C GLY B 56 0.06 8.61 0.08
N GLY B 57 0.24 8.55 1.39
CA GLY B 57 1.50 8.91 2.03
C GLY B 57 2.29 7.74 2.62
N LEU B 58 3.32 8.07 3.39
CA LEU B 58 4.18 7.07 4.00
C LEU B 58 4.43 7.34 5.49
N ASN B 59 3.53 8.10 6.11
CA ASN B 59 3.73 8.58 7.49
C ASN B 59 5.13 9.13 7.69
N GLY B 60 5.60 9.87 6.69
CA GLY B 60 7.02 10.21 6.67
C GLY B 60 7.39 11.60 7.16
N SER B 61 8.64 11.71 7.57
CA SER B 61 9.29 12.99 7.79
C SER B 61 9.96 13.44 6.49
N VAL B 62 10.34 14.71 6.46
CA VAL B 62 10.85 15.32 5.23
C VAL B 62 12.15 16.06 5.52
N ILE B 63 13.16 15.87 4.67
CA ILE B 63 14.33 16.73 4.69
C ILE B 63 14.33 17.60 3.43
N TRP B 64 14.53 18.90 3.60
CA TRP B 64 14.38 19.84 2.48
C TRP B 64 15.62 20.71 2.37
N ILE B 65 16.38 20.53 1.29
CA ILE B 65 17.53 21.39 1.02
C ILE B 65 17.15 22.48 0.03
N ASP B 66 17.05 23.71 0.53
CA ASP B 66 16.51 24.86 -0.20
C ASP B 66 17.64 25.79 -0.63
N THR B 67 17.77 26.03 -1.93
CA THR B 67 18.90 26.80 -2.44
C THR B 67 18.62 28.27 -2.80
N GLU B 68 17.35 28.62 -2.95
CA GLU B 68 16.97 29.98 -3.35
C GLU B 68 15.88 30.58 -2.45
N ASN B 69 15.73 29.99 -1.27
CA ASN B 69 14.86 30.51 -0.23
C ASN B 69 13.42 30.67 -0.69
N THR B 70 12.92 29.63 -1.36
CA THR B 70 11.53 29.64 -1.82
C THR B 70 10.63 28.73 -0.98
N PHE B 71 11.19 28.07 0.03
CA PHE B 71 10.35 27.35 0.98
C PHE B 71 9.45 28.34 1.74
N ARG B 72 8.16 28.02 1.81
CA ARG B 72 7.19 28.91 2.45
C ARG B 72 6.36 28.16 3.50
N PRO B 73 6.69 28.34 4.79
CA PRO B 73 6.02 27.53 5.80
C PRO B 73 4.51 27.75 5.83
N GLU B 74 4.04 28.96 5.53
CA GLU B 74 2.60 29.18 5.49
C GLU B 74 1.90 28.47 4.33
N ARG B 75 2.63 28.20 3.26
CA ARG B 75 2.08 27.43 2.15
C ARG B 75 1.93 25.98 2.57
N ILE B 76 2.89 25.49 3.36
CA ILE B 76 2.80 24.14 3.90
C ILE B 76 1.58 24.04 4.81
N ARG B 77 1.41 25.04 5.68
CA ARG B 77 0.27 25.07 6.58
C ARG B 77 -1.07 25.10 5.84
N GLU B 78 -1.17 25.93 4.82
CA GLU B 78 -2.36 25.98 3.98
C GLU B 78 -2.69 24.64 3.31
N ILE B 79 -1.69 24.02 2.67
CA ILE B 79 -1.91 22.75 1.99
C ILE B 79 -2.35 21.68 2.98
N ALA B 80 -1.66 21.61 4.11
CA ALA B 80 -2.01 20.66 5.18
C ALA B 80 -3.45 20.85 5.67
N GLN B 81 -3.75 22.07 6.07
CA GLN B 81 -5.10 22.43 6.52
C GLN B 81 -6.15 22.01 5.52
N ASN B 82 -5.92 22.32 4.24
CA ASN B 82 -6.92 22.03 3.22
C ASN B 82 -6.97 20.55 2.82
N ARG B 83 -6.09 19.74 3.40
CA ARG B 83 -6.13 18.30 3.15
C ARG B 83 -6.46 17.47 4.40
N GLY B 84 -6.84 18.15 5.48
CA GLY B 84 -7.32 17.46 6.68
C GLY B 84 -6.24 17.12 7.68
N LEU B 85 -5.04 17.66 7.48
CA LEU B 85 -3.94 17.43 8.41
C LEU B 85 -3.81 18.59 9.38
N ASP B 86 -3.08 18.37 10.46
CA ASP B 86 -2.77 19.41 11.42
C ASP B 86 -1.60 20.21 10.87
N PRO B 87 -1.82 21.49 10.55
CA PRO B 87 -0.77 22.27 9.88
C PRO B 87 0.47 22.44 10.74
N ASP B 88 0.27 22.49 12.06
CA ASP B 88 1.37 22.58 13.02
C ASP B 88 2.20 21.31 13.06
N GLU B 89 1.52 20.16 13.19
CA GLU B 89 2.21 18.88 13.19
C GLU B 89 3.01 18.66 11.90
N VAL B 90 2.43 19.07 10.78
CA VAL B 90 3.08 18.85 9.48
C VAL B 90 4.39 19.61 9.40
N LEU B 91 4.39 20.85 9.86
CA LEU B 91 5.60 21.67 9.84
C LEU B 91 6.71 21.11 10.71
N LYS B 92 6.33 20.50 11.83
CA LYS B 92 7.30 19.93 12.77
C LYS B 92 8.11 18.80 12.15
N HIS B 93 7.53 18.14 11.14
CA HIS B 93 8.18 16.99 10.52
C HIS B 93 8.91 17.28 9.19
N ILE B 94 9.10 18.58 8.92
CA ILE B 94 9.88 19.02 7.77
C ILE B 94 11.14 19.73 8.28
N TYR B 95 12.28 19.21 7.88
CA TYR B 95 13.55 19.74 8.37
C TYR B 95 14.23 20.48 7.22
N VAL B 96 14.12 21.79 7.24
CA VAL B 96 14.60 22.65 6.15
C VAL B 96 15.98 23.19 6.46
N ALA B 97 16.87 23.10 5.49
CA ALA B 97 18.20 23.69 5.63
C ALA B 97 18.47 24.50 4.36
N ARG B 98 19.00 25.70 4.52
CA ARG B 98 19.29 26.56 3.39
C ARG B 98 20.73 26.35 2.96
N ALA B 99 20.92 25.93 1.71
CA ALA B 99 22.25 25.79 1.12
C ALA B 99 22.82 27.14 0.67
N PHE B 100 23.97 27.50 1.25
CA PHE B 100 24.63 28.77 0.98
C PHE B 100 25.27 28.80 -0.41
N ASN B 101 25.85 27.66 -0.81
CA ASN B 101 26.48 27.51 -2.11
C ASN B 101 26.50 26.03 -2.43
N SER B 102 27.09 25.64 -3.55
CA SER B 102 27.00 24.23 -3.95
C SER B 102 27.81 23.30 -3.04
N ASN B 103 28.87 23.82 -2.41
CA ASN B 103 29.70 22.99 -1.56
C ASN B 103 29.01 22.73 -0.22
N HIS B 104 28.27 23.74 0.22
CA HIS B 104 27.46 23.62 1.43
C HIS B 104 26.31 22.66 1.16
N GLN B 105 25.67 22.80 0.00
CA GLN B 105 24.64 21.89 -0.47
C GLN B 105 25.09 20.44 -0.36
N MET B 106 26.30 20.16 -0.80
CA MET B 106 26.84 18.79 -0.76
C MET B 106 27.08 18.30 0.66
N LEU B 107 27.63 19.15 1.51
CA LEU B 107 27.76 18.84 2.94
C LEU B 107 26.39 18.58 3.59
N LEU B 108 25.37 19.37 3.24
CA LEU B 108 24.05 19.16 3.81
C LEU B 108 23.47 17.78 3.54
N VAL B 109 23.83 17.17 2.42
CA VAL B 109 23.39 15.81 2.15
C VAL B 109 24.02 14.79 3.12
N GLN B 110 25.28 15.02 3.49
CA GLN B 110 25.92 14.17 4.50
C GLN B 110 25.25 14.32 5.85
N GLN B 111 24.95 15.57 6.22
CA GLN B 111 24.25 15.87 7.45
C GLN B 111 22.87 15.24 7.44
N ALA B 112 22.24 15.23 6.26
CA ALA B 112 20.93 14.60 6.12
C ALA B 112 20.96 13.16 6.62
N GLU B 113 22.07 12.46 6.40
CA GLU B 113 22.16 11.06 6.79
C GLU B 113 22.03 10.89 8.31
N ASP B 114 22.48 11.89 9.07
CA ASP B 114 22.40 11.79 10.52
C ASP B 114 20.95 11.86 10.99
N LYS B 115 20.18 12.80 10.45
CA LYS B 115 18.76 12.89 10.77
C LYS B 115 18.00 11.63 10.32
N ILE B 116 18.35 11.09 9.16
CA ILE B 116 17.67 9.91 8.64
C ILE B 116 17.92 8.73 9.57
N LYS B 117 19.18 8.56 9.99
CA LYS B 117 19.51 7.50 10.92
C LYS B 117 18.76 7.65 12.23
N GLU B 118 18.68 8.89 12.71
CA GLU B 118 17.99 9.19 13.95
C GLU B 118 16.54 8.72 13.92
N LEU B 119 15.85 9.00 12.82
CA LEU B 119 14.43 8.75 12.73
C LEU B 119 14.05 7.39 12.15
N LEU B 120 15.05 6.63 11.70
CA LEU B 120 14.82 5.48 10.81
C LEU B 120 13.82 4.46 11.36
N ASN B 121 13.95 4.18 12.64
CA ASN B 121 13.18 3.11 13.26
C ASN B 121 12.17 3.68 14.25
N THR B 122 11.84 4.96 14.06
CA THR B 122 10.72 5.57 14.76
C THR B 122 9.51 5.45 13.86
N ASP B 123 8.31 5.84 14.34
CA ASP B 123 7.13 5.79 13.46
C ASP B 123 7.00 6.95 12.47
N ARG B 124 7.97 7.85 12.45
CA ARG B 124 8.04 8.90 11.42
C ARG B 124 9.41 8.96 10.75
N PRO B 125 9.82 7.86 10.10
CA PRO B 125 11.11 7.89 9.40
C PRO B 125 11.12 8.91 8.24
N VAL B 126 12.30 9.41 7.88
CA VAL B 126 12.39 10.29 6.71
C VAL B 126 11.98 9.48 5.49
N LYS B 127 11.01 9.99 4.74
CA LYS B 127 10.56 9.30 3.54
C LYS B 127 10.69 10.14 2.28
N LEU B 128 10.94 11.44 2.46
CA LEU B 128 11.08 12.37 1.35
C LEU B 128 12.26 13.29 1.60
N LEU B 129 13.14 13.39 0.60
CA LEU B 129 14.27 14.32 0.63
C LEU B 129 14.17 15.20 -0.62
N ILE B 130 13.98 16.48 -0.40
CA ILE B 130 13.82 17.45 -1.47
C ILE B 130 15.08 18.30 -1.64
N VAL B 131 15.51 18.48 -2.88
CA VAL B 131 16.52 19.49 -3.19
C VAL B 131 15.94 20.46 -4.22
N ASP B 132 15.64 21.69 -3.80
CA ASP B 132 15.07 22.71 -4.67
C ASP B 132 15.99 23.92 -4.46
N SER B 133 16.89 24.25 -5.38
CA SER B 133 17.08 23.65 -6.70
C SER B 133 18.32 22.75 -6.70
N LEU B 134 18.26 21.60 -7.38
CA LEU B 134 19.43 20.74 -7.52
C LEU B 134 20.61 21.46 -8.15
N THR B 135 20.32 22.35 -9.09
CA THR B 135 21.37 22.83 -9.99
C THR B 135 21.66 24.32 -9.94
N SER B 136 20.83 25.11 -9.25
CA SER B 136 20.97 26.57 -9.29
C SER B 136 22.34 27.10 -8.88
N HIS B 137 22.90 26.56 -7.79
CA HIS B 137 24.23 26.95 -7.33
C HIS B 137 25.30 26.47 -8.31
N PHE B 138 25.10 25.30 -8.88
CA PHE B 138 26.10 24.73 -9.80
C PHE B 138 26.20 25.57 -11.06
N ARG B 139 25.04 26.02 -11.57
CA ARG B 139 25.01 26.87 -12.75
C ARG B 139 25.70 28.19 -12.49
N SER B 140 25.50 28.72 -11.29
CA SER B 140 25.98 30.07 -10.95
C SER B 140 27.49 30.12 -10.75
N GLU B 141 28.03 29.05 -10.18
CA GLU B 141 29.42 29.04 -9.75
C GLU B 141 30.43 28.56 -10.79
N TYR B 142 30.02 27.64 -11.65
CA TYR B 142 30.97 27.02 -12.56
C TYR B 142 30.87 27.69 -13.90
N ILE B 143 31.63 28.77 -14.03
CA ILE B 143 31.52 29.68 -15.17
C ILE B 143 32.91 29.94 -15.72
N GLY B 144 33.11 29.71 -17.01
CA GLY B 144 34.41 29.96 -17.60
C GLY B 144 35.09 28.74 -18.20
N ARG B 145 36.20 28.98 -18.90
CA ARG B 145 36.96 27.90 -19.52
C ARG B 145 37.35 26.82 -18.52
N GLY B 146 36.94 25.58 -18.81
CA GLY B 146 37.25 24.44 -17.96
C GLY B 146 36.23 24.17 -16.87
N ALA B 147 35.30 25.10 -16.69
CA ALA B 147 34.33 24.99 -15.60
C ALA B 147 33.32 23.86 -15.84
N LEU B 148 33.08 23.54 -17.09
CA LEU B 148 32.06 22.58 -17.50
C LEU B 148 32.32 21.19 -16.92
N ALA B 149 33.53 20.68 -17.10
CA ALA B 149 33.85 19.33 -16.65
C ALA B 149 33.89 19.26 -15.13
N GLU B 150 34.31 20.36 -14.51
CA GLU B 150 34.40 20.43 -13.06
C GLU B 150 33.02 20.41 -12.44
N ARG B 151 32.13 21.25 -12.98
CA ARG B 151 30.74 21.26 -12.57
C ARG B 151 30.14 19.86 -12.64
N GLN B 152 30.36 19.17 -13.75
CA GLN B 152 29.73 17.88 -13.98
C GLN B 152 30.25 16.80 -13.04
N GLN B 153 31.54 16.85 -12.73
CA GLN B 153 32.11 15.90 -11.78
C GLN B 153 31.49 16.08 -10.40
N LYS B 154 31.41 17.33 -9.93
CA LYS B 154 30.87 17.65 -8.61
C LYS B 154 29.40 17.24 -8.54
N LEU B 155 28.64 17.59 -9.57
CA LEU B 155 27.23 17.24 -9.63
C LEU B 155 27.04 15.72 -9.61
N ALA B 156 27.92 14.98 -10.29
CA ALA B 156 27.82 13.53 -10.33
C ALA B 156 28.02 12.93 -8.93
N LYS B 157 29.00 13.46 -8.22
CA LYS B 157 29.24 13.05 -6.85
C LYS B 157 27.99 13.30 -5.99
N HIS B 158 27.43 14.49 -6.12
CA HIS B 158 26.25 14.89 -5.36
C HIS B 158 25.09 13.93 -5.61
N LEU B 159 24.86 13.63 -6.88
CA LEU B 159 23.78 12.72 -7.26
C LEU B 159 24.04 11.30 -6.75
N ALA B 160 25.27 10.83 -6.80
CA ALA B 160 25.63 9.55 -6.20
C ALA B 160 25.32 9.53 -4.69
N ASP B 161 25.62 10.63 -4.00
CA ASP B 161 25.30 10.71 -2.57
C ASP B 161 23.79 10.61 -2.34
N LEU B 162 23.03 11.31 -3.16
CA LEU B 162 21.57 11.27 -3.09
C LEU B 162 20.98 9.88 -3.38
N HIS B 163 21.48 9.21 -4.42
CA HIS B 163 21.06 7.83 -4.74
C HIS B 163 21.32 6.87 -3.58
N ARG B 164 22.51 6.99 -2.99
CA ARG B 164 22.82 6.19 -1.81
C ARG B 164 21.81 6.38 -0.69
N LEU B 165 21.42 7.62 -0.39
CA LEU B 165 20.45 7.82 0.68
C LEU B 165 19.09 7.24 0.31
N ALA B 166 18.64 7.47 -0.92
CA ALA B 166 17.39 6.89 -1.43
C ALA B 166 17.34 5.38 -1.27
N ASN B 167 18.41 4.73 -1.67
CA ASN B 167 18.45 3.28 -1.70
C ASN B 167 18.72 2.66 -0.33
N LEU B 168 19.64 3.26 0.42
CA LEU B 168 20.02 2.71 1.71
C LEU B 168 18.88 2.82 2.72
N TYR B 169 18.11 3.91 2.64
CA TYR B 169 17.17 4.22 3.70
C TYR B 169 15.72 4.25 3.25
N ASP B 170 15.49 3.84 2.00
CA ASP B 170 14.16 3.72 1.41
C ASP B 170 13.45 5.05 1.44
N ILE B 171 14.06 6.02 0.77
CA ILE B 171 13.59 7.39 0.70
C ILE B 171 13.27 7.79 -0.74
N ALA B 172 12.23 8.57 -0.93
CA ALA B 172 11.99 9.18 -2.23
C ALA B 172 12.77 10.49 -2.32
N VAL B 173 13.72 10.57 -3.25
CA VAL B 173 14.44 11.83 -3.47
C VAL B 173 13.76 12.58 -4.62
N PHE B 174 13.45 13.85 -4.38
CA PHE B 174 12.75 14.71 -5.33
C PHE B 174 13.58 15.96 -5.60
N VAL B 175 14.01 16.16 -6.84
CA VAL B 175 14.89 17.26 -7.16
C VAL B 175 14.33 18.11 -8.29
N THR B 176 14.54 19.41 -8.21
CA THR B 176 14.07 20.35 -9.23
C THR B 176 15.22 20.90 -10.06
N ASN B 177 14.92 21.24 -11.30
CA ASN B 177 15.92 21.71 -12.25
C ASN B 177 15.26 22.67 -13.23
N GLN B 178 15.79 23.89 -13.34
CA GLN B 178 15.19 24.93 -14.18
C GLN B 178 15.73 24.92 -15.60
N VAL B 179 14.82 24.92 -16.57
CA VAL B 179 15.27 25.07 -17.92
C VAL B 179 15.21 26.56 -18.25
N GLN B 180 16.25 27.04 -18.92
CA GLN B 180 16.40 28.44 -19.27
C GLN B 180 15.82 28.66 -20.65
N ALA B 181 15.74 29.92 -21.06
CA ALA B 181 15.54 30.20 -22.48
C ALA B 181 16.85 29.79 -23.11
N ASN B 182 17.94 30.22 -22.47
CA ASN B 182 19.29 29.75 -22.77
C ASN B 182 20.27 30.15 -21.66
N GLY B 184 16.50 18.66 -20.30
CA GLY B 184 16.48 19.66 -19.24
C GLY B 184 17.88 20.17 -18.98
N HIS B 185 18.18 21.36 -19.51
CA HIS B 185 19.56 21.73 -19.80
C HIS B 185 20.54 22.13 -18.69
N ILE B 186 20.51 21.39 -17.59
CA ILE B 186 21.74 20.99 -16.91
C ILE B 186 21.47 19.54 -16.54
N LEU B 187 22.35 18.65 -16.99
CA LEU B 187 22.08 17.23 -16.88
C LEU B 187 22.18 16.71 -15.45
N ALA B 188 21.10 16.05 -15.01
CA ALA B 188 21.16 15.20 -13.84
C ALA B 188 21.26 13.78 -14.38
N HIS B 189 22.38 13.51 -15.04
CA HIS B 189 22.69 12.25 -15.71
C HIS B 189 22.17 10.99 -15.02
N SER B 190 22.05 11.04 -13.70
CA SER B 190 21.79 9.82 -12.95
C SER B 190 20.36 9.71 -12.41
N ALA B 191 19.52 10.69 -12.71
CA ALA B 191 18.13 10.68 -12.25
C ALA B 191 17.42 9.40 -12.68
N THR B 192 16.60 8.85 -11.78
CA THR B 192 15.83 7.64 -12.06
C THR B 192 14.70 7.92 -13.04
N LEU B 193 14.05 9.07 -12.85
CA LEU B 193 12.88 9.44 -13.65
C LEU B 193 12.92 10.94 -13.85
N ARG B 194 12.68 11.38 -15.09
CA ARG B 194 12.64 12.81 -15.42
C ARG B 194 11.25 13.22 -15.90
N VAL B 195 10.68 14.22 -15.24
CA VAL B 195 9.33 14.71 -15.53
C VAL B 195 9.43 16.15 -15.98
N TYR B 196 9.04 16.37 -17.22
CA TYR B 196 9.01 17.70 -17.81
C TYR B 196 7.68 18.38 -17.48
N LEU B 197 7.79 19.57 -16.89
CA LEU B 197 6.63 20.36 -16.50
C LEU B 197 6.57 21.63 -17.30
N ARG B 198 5.36 22.01 -17.71
CA ARG B 198 5.18 23.26 -18.45
C ARG B 198 3.83 23.89 -18.17
N LYS B 199 3.75 25.18 -18.40
CA LYS B 199 2.52 25.90 -18.17
C LYS B 199 1.66 25.79 -19.42
N GLY B 200 0.37 25.60 -19.22
CA GLY B 200 -0.57 25.60 -20.34
C GLY B 200 -1.64 26.63 -20.10
N LYS B 201 -2.63 26.65 -20.97
CA LYS B 201 -3.71 27.61 -20.84
C LYS B 201 -4.62 27.30 -19.66
N GLY B 202 -5.33 28.32 -19.19
CA GLY B 202 -6.30 28.17 -18.13
C GLY B 202 -5.67 27.96 -16.77
N GLY B 203 -4.37 28.23 -16.68
CA GLY B 203 -3.63 28.04 -15.44
C GLY B 203 -3.18 26.59 -15.28
N LYS B 204 -3.50 25.75 -16.26
CA LYS B 204 -3.16 24.34 -16.20
C LYS B 204 -1.65 24.13 -16.29
N ARG B 205 -1.17 23.09 -15.61
CA ARG B 205 0.20 22.63 -15.75
C ARG B 205 0.14 21.26 -16.41
N ILE B 206 1.14 20.96 -17.25
CA ILE B 206 1.17 19.71 -18.01
C ILE B 206 2.48 18.97 -17.75
N ALA B 207 2.34 17.68 -17.42
CA ALA B 207 3.49 16.85 -17.10
C ALA B 207 3.66 15.75 -18.14
N ARG B 208 4.91 15.44 -18.46
CA ARG B 208 5.24 14.38 -19.41
C ARG B 208 6.49 13.67 -18.92
N LEU B 209 6.53 12.35 -19.00
CA LEU B 209 7.76 11.63 -18.72
C LEU B 209 8.73 11.68 -19.91
N ILE B 210 10.00 11.93 -19.61
CA ILE B 210 11.04 12.06 -20.65
C ILE B 210 11.95 10.84 -20.67
N ASP B 211 12.15 10.31 -21.87
CA ASP B 211 13.04 9.17 -22.11
C ASP B 211 12.69 7.95 -21.26
N ALA B 212 11.40 7.66 -21.15
CA ALA B 212 10.94 6.44 -20.45
C ALA B 212 9.99 5.65 -21.32
N PRO B 213 10.53 5.00 -22.36
CA PRO B 213 9.70 4.32 -23.37
C PRO B 213 8.81 3.19 -22.84
N HIS B 214 9.09 2.67 -21.65
CA HIS B 214 8.31 1.56 -21.11
C HIS B 214 7.24 2.02 -20.10
N LEU B 215 7.19 3.32 -19.87
CA LEU B 215 6.24 3.91 -18.91
C LEU B 215 5.21 4.72 -19.71
N PRO B 216 4.11 5.18 -19.07
CA PRO B 216 3.08 5.94 -19.81
C PRO B 216 3.64 7.04 -20.70
N GLU B 217 3.12 7.12 -21.93
CA GLU B 217 3.61 8.09 -22.90
C GLU B 217 2.66 9.28 -23.08
N GLY B 218 1.58 9.29 -22.31
CA GLY B 218 0.65 10.41 -22.33
C GLY B 218 1.10 11.60 -21.51
N GLU B 219 0.18 12.52 -21.27
CA GLU B 219 0.48 13.68 -20.44
C GLU B 219 -0.54 13.84 -19.34
N ALA B 220 -0.05 14.22 -18.16
CA ALA B 220 -0.91 14.54 -17.04
C ALA B 220 -1.18 16.04 -17.02
N VAL B 221 -2.34 16.41 -16.51
CA VAL B 221 -2.75 17.81 -16.42
C VAL B 221 -3.26 18.09 -15.01
N PHE B 222 -2.80 19.20 -14.44
CA PHE B 222 -3.23 19.55 -13.10
C PHE B 222 -3.27 21.06 -12.88
N SER B 223 -3.87 21.49 -11.77
CA SER B 223 -3.84 22.89 -11.37
C SER B 223 -3.06 23.05 -10.06
N ILE B 224 -2.65 24.27 -9.75
CA ILE B 224 -2.12 24.63 -8.44
C ILE B 224 -3.21 25.36 -7.67
N THR B 225 -3.53 24.90 -6.46
CA THR B 225 -4.70 25.43 -5.73
C THR B 225 -4.39 25.56 -4.25
N GLU B 226 -5.43 25.74 -3.43
CA GLU B 226 -5.25 25.77 -1.99
C GLU B 226 -4.91 24.39 -1.41
N LYS B 227 -5.06 23.34 -2.22
CA LYS B 227 -4.71 21.99 -1.79
C LYS B 227 -3.33 21.61 -2.30
N GLY B 228 -2.60 22.58 -2.85
CA GLY B 228 -1.28 22.32 -3.39
C GLY B 228 -1.36 22.15 -4.89
N ILE B 229 -1.34 20.91 -5.34
CA ILE B 229 -1.75 20.64 -6.70
C ILE B 229 -2.85 19.59 -6.64
N GLU B 230 -3.71 19.60 -7.64
CA GLU B 230 -4.78 18.63 -7.78
C GLU B 230 -5.23 18.69 -9.22
N ASP B 231 -6.09 17.77 -9.64
CA ASP B 231 -6.61 17.82 -11.02
C ASP B 231 -7.31 19.14 -11.35
PG ANP C . -12.15 -29.11 10.36
O1G ANP C . -10.80 -28.28 10.29
O2G ANP C . -13.27 -28.29 11.11
O3G ANP C . -11.84 -30.36 11.11
PB ANP C . -12.92 -28.49 7.60
O1B ANP C . -11.88 -27.43 7.54
O2B ANP C . -14.33 -27.85 7.78
N3B ANP C . -12.65 -29.62 8.81
PA ANP C . -11.83 -29.28 5.10
O1A ANP C . -10.45 -29.67 5.64
O2A ANP C . -11.95 -28.01 4.36
O3A ANP C . -12.91 -29.37 6.30
O5' ANP C . -12.30 -30.37 4.07
C5' ANP C . -11.90 -31.73 4.22
C4' ANP C . -12.47 -32.50 3.06
O4' ANP C . -12.08 -31.88 1.82
C3' ANP C . -11.95 -33.93 2.94
O3' ANP C . -12.71 -34.79 3.79
C2' ANP C . -12.15 -34.23 1.46
O2' ANP C . -13.46 -34.74 1.21
C1' ANP C . -11.94 -32.86 0.81
N9 ANP C . -10.62 -32.68 0.19
C8 ANP C . -9.46 -32.36 0.82
N7 ANP C . -8.43 -32.25 0.01
C5 ANP C . -8.96 -32.52 -1.23
C6 ANP C . -8.38 -32.56 -2.53
N6 ANP C . -7.10 -32.34 -2.77
N1 ANP C . -9.20 -32.86 -3.56
C2 ANP C . -10.49 -33.09 -3.32
N3 ANP C . -11.15 -33.07 -2.15
C4 ANP C . -10.32 -32.78 -1.15
C1 GOL D . -26.10 -27.40 -9.47
O1 GOL D . -26.79 -27.12 -10.66
C2 GOL D . -25.17 -26.23 -9.14
O2 GOL D . -25.95 -25.11 -8.79
C3 GOL D . -24.21 -26.55 -8.00
O3 GOL D . -23.93 -27.94 -7.93
MG MG E . -10.20 -27.03 8.76
C1 GOL F . 4.88 31.53 3.59
O1 GOL F . 5.58 31.50 4.81
C2 GOL F . 4.20 32.84 3.24
O2 GOL F . 5.12 33.91 3.22
C3 GOL F . 3.55 32.70 1.86
O3 GOL F . 2.76 31.52 1.77
PG ANP G . 11.30 28.68 -10.60
O1G ANP G . 11.79 28.28 -9.16
O2G ANP G . 12.02 27.75 -11.67
O3G ANP G . 11.53 30.13 -10.91
PB ANP G . 8.89 27.04 -10.31
O1B ANP G . 9.46 26.44 -9.06
O2B ANP G . 8.81 26.02 -11.46
N3B ANP G . 9.63 28.48 -10.75
PA ANP G . 6.55 27.51 -8.71
O1A ANP G . 7.24 28.51 -7.77
O2A ANP G . 6.36 26.11 -8.28
O3A ANP G . 7.40 27.56 -10.07
O5' ANP G . 5.13 28.03 -9.13
C5' ANP G . 4.85 29.42 -9.18
C4' ANP G . 3.43 29.59 -9.67
O4' ANP G . 2.55 28.80 -8.86
C3' ANP G . 2.87 31.00 -9.58
O3' ANP G . 3.32 31.79 -10.67
C2' ANP G . 1.37 30.73 -9.59
O2' ANP G . 0.92 30.55 -10.93
C1' ANP G . 1.26 29.39 -8.85
N9 ANP G . 0.79 29.45 -7.48
C8 ANP G . 1.54 29.61 -6.35
N7 ANP G . 0.84 29.58 -5.23
C5 ANP G . -0.46 29.38 -5.67
C6 ANP G . -1.68 29.25 -4.97
N6 ANP G . -1.78 29.32 -3.64
N1 ANP G . -2.80 29.05 -5.71
C2 ANP G . -2.69 28.98 -7.04
N3 ANP G . -1.60 29.10 -7.80
C4 ANP G . -0.51 29.29 -7.04
MG MG H . 11.01 27.14 -7.72
#